data_6X28
#
_entry.id   6X28
#
_cell.length_a   73.189
_cell.length_b   83.787
_cell.length_c   41.408
_cell.angle_alpha   90.000
_cell.angle_beta   106.420
_cell.angle_gamma   90.000
#
_symmetry.space_group_name_H-M   'C 1 2 1'
#
loop_
_entity.id
_entity.type
_entity.pdbx_description
1 polymer 'Endothelial PAS domain-containing protein 1'
2 polymer 'Aryl hydrocarbon receptor nuclear translocator'
3 non-polymer (1R)-4-(3,5-difluorophenoxy)-7-(trifluoromethyl)-2,3-dihydro-1H-inden-1-ol
4 water water
#
loop_
_entity_poly.entity_id
_entity_poly.type
_entity_poly.pdbx_seq_one_letter_code
_entity_poly.pdbx_strand_id
1 'polypeptide(L)'
;GEFKGLDSKTFLSEHSMDMKFTYCDDRITELIGYHPEELLGRSAYEFYHALDSENMTKSHQNLCTKGQVVSGQYRMLAKH
GGYVWLETQGTVIYNPRNLQPQCIMCVNYVLSEIE
;
A
2 'polypeptide(L)'
;GEFKGLNVCQPTRFISRHNIEGIFTFVDHRCVATVGYQPQELLGKNIVEFCHPEDQQLLRDSFQQVVKLKGQVLSVMFRF
RSKNQEWLWMRTSSFTFQNPYSDEIEYIICTNTNVKNS
;
B
#
# COMPACT_ATOMS: atom_id res chain seq x y z
N PHE A 3 -3.73 -29.52 14.12
CA PHE A 3 -4.68 -28.63 14.85
C PHE A 3 -3.90 -27.70 15.82
N LYS A 4 -3.61 -26.48 15.40
CA LYS A 4 -3.13 -25.43 16.35
C LYS A 4 -4.32 -24.81 17.12
N GLY A 5 -4.09 -24.40 18.36
CA GLY A 5 -5.09 -23.61 19.13
C GLY A 5 -5.56 -22.29 18.51
N LEU A 6 -6.68 -21.77 19.03
CA LEU A 6 -7.14 -20.39 18.75
C LEU A 6 -6.05 -19.43 19.21
N ASP A 7 -5.51 -19.69 20.41
CA ASP A 7 -4.48 -18.85 20.94
C ASP A 7 -3.20 -18.87 20.10
N SER A 8 -2.81 -20.06 19.65
CA SER A 8 -1.53 -20.15 18.95
C SER A 8 -1.67 -19.59 17.50
N LYS A 9 -2.88 -19.18 17.12
CA LYS A 9 -3.14 -18.53 15.85
C LYS A 9 -3.56 -17.06 16.01
N THR A 10 -3.25 -16.45 17.16
CA THR A 10 -3.62 -15.09 17.37
C THR A 10 -2.32 -14.33 17.60
N PHE A 11 -2.16 -13.16 16.95
CA PHE A 11 -0.97 -12.35 17.18
C PHE A 11 -1.40 -10.89 17.19
N LEU A 12 -0.65 -10.06 17.92
CA LEU A 12 -0.91 -8.64 17.85
C LEU A 12 -0.01 -7.91 16.86
N SER A 13 -0.54 -6.81 16.36
CA SER A 13 0.22 -5.82 15.61
C SER A 13 -0.20 -4.45 16.03
N GLU A 14 0.66 -3.50 15.80
CA GLU A 14 0.36 -2.09 16.14
C GLU A 14 0.68 -1.35 14.89
N HIS A 15 -0.09 -0.31 14.65
CA HIS A 15 0.02 0.46 13.44
C HIS A 15 -0.14 1.96 13.70
N SER A 16 0.55 2.77 12.90
CA SER A 16 0.26 4.24 12.91
C SER A 16 -1.00 4.44 12.13
N MET A 17 -1.48 5.69 12.07
CA MET A 17 -2.82 5.98 11.61
C MET A 17 -2.96 5.74 10.08
N ASP A 18 -1.83 5.81 9.38
CA ASP A 18 -1.75 5.49 7.96
C ASP A 18 -1.68 3.97 7.67
N MET A 19 -1.87 3.14 8.70
CA MET A 19 -1.93 1.68 8.55
C MET A 19 -0.54 1.03 8.52
N LYS A 20 0.55 1.80 8.54
CA LYS A 20 1.87 1.14 8.56
C LYS A 20 2.08 0.39 9.85
N PHE A 21 2.68 -0.80 9.76
CA PHE A 21 3.15 -1.52 10.93
C PHE A 21 4.20 -0.72 11.69
N THR A 22 4.03 -0.62 13.01
CA THR A 22 5.03 -0.12 13.97
C THR A 22 5.54 -1.20 14.93
N TYR A 23 4.86 -2.35 14.98
CA TYR A 23 5.23 -3.42 15.82
C TYR A 23 4.45 -4.66 15.40
N CYS A 24 5.06 -5.84 15.49
CA CYS A 24 4.30 -7.11 15.36
C CYS A 24 4.85 -8.22 16.24
N ASP A 25 3.97 -9.06 16.90
CA ASP A 25 4.42 -10.30 17.60
C ASP A 25 5.23 -11.17 16.69
N ASP A 26 6.20 -11.85 17.29
CA ASP A 26 7.04 -12.83 16.56
C ASP A 26 6.19 -13.99 16.07
N ARG A 27 5.06 -14.22 16.76
CA ARG A 27 4.14 -15.30 16.40
C ARG A 27 3.76 -15.30 14.89
N ILE A 28 3.85 -14.13 14.22
CA ILE A 28 3.38 -14.01 12.84
C ILE A 28 4.28 -14.87 11.95
N THR A 29 5.54 -15.00 12.38
CA THR A 29 6.53 -15.80 11.59
C THR A 29 6.03 -17.23 11.38
N GLU A 30 5.78 -17.94 12.49
CA GLU A 30 5.20 -19.29 12.50
C GLU A 30 3.96 -19.42 11.63
N LEU A 31 3.09 -18.41 11.61
CA LEU A 31 1.83 -18.59 10.94
C LEU A 31 1.82 -18.16 9.46
N ILE A 32 2.55 -17.11 9.15
CA ILE A 32 2.45 -16.48 7.87
C ILE A 32 3.81 -16.33 7.19
N GLY A 33 4.91 -16.55 7.91
CA GLY A 33 6.30 -16.44 7.39
C GLY A 33 6.99 -15.09 7.57
N TYR A 34 6.26 -13.98 7.68
CA TYR A 34 6.93 -12.74 7.91
C TYR A 34 7.73 -12.60 9.20
N HIS A 35 8.83 -11.81 9.11
CA HIS A 35 9.57 -11.41 10.30
C HIS A 35 9.07 -10.07 10.57
N PRO A 36 8.73 -9.79 11.87
CA PRO A 36 8.19 -8.50 12.18
C PRO A 36 9.02 -7.35 11.64
N GLU A 37 10.35 -7.46 11.73
CA GLU A 37 11.25 -6.36 11.35
C GLU A 37 11.10 -6.01 9.86
N GLU A 38 10.74 -6.98 9.01
CA GLU A 38 10.52 -6.63 7.59
C GLU A 38 9.11 -5.96 7.33
N LEU A 39 8.25 -6.01 8.33
CA LEU A 39 6.94 -5.42 8.20
C LEU A 39 6.93 -3.94 8.54
N LEU A 40 7.83 -3.51 9.41
CA LEU A 40 7.73 -2.15 9.96
C LEU A 40 7.88 -1.12 8.87
N GLY A 41 7.11 -0.04 8.94
CA GLY A 41 7.07 0.94 7.85
C GLY A 41 6.22 0.59 6.62
N ARG A 42 5.77 -0.66 6.48
CA ARG A 42 4.85 -0.99 5.35
C ARG A 42 3.39 -0.94 5.74
N SER A 43 2.59 -0.39 4.84
CA SER A 43 1.14 -0.29 5.01
C SER A 43 0.54 -1.67 4.95
N ALA A 44 -0.49 -1.89 5.76
CA ALA A 44 -1.13 -3.20 5.83
C ALA A 44 -1.83 -3.43 4.51
N TYR A 45 -2.15 -2.34 3.86
CA TYR A 45 -2.87 -2.40 2.63
C TYR A 45 -2.09 -3.19 1.58
N GLU A 46 -0.78 -2.99 1.54
CA GLU A 46 0.10 -3.79 0.67
C GLU A 46 -0.14 -5.26 0.71
N PHE A 47 -0.67 -5.76 1.83
CA PHE A 47 -0.83 -7.19 2.07
C PHE A 47 -2.22 -7.79 1.76
N TYR A 48 -3.25 -6.98 1.53
CA TYR A 48 -4.57 -7.53 1.27
C TYR A 48 -4.69 -8.09 -0.18
N HIS A 49 -5.35 -9.24 -0.34
CA HIS A 49 -5.86 -9.74 -1.62
C HIS A 49 -6.70 -8.68 -2.22
N ALA A 50 -6.62 -8.43 -3.55
CA ALA A 50 -7.39 -7.28 -4.13
C ALA A 50 -8.90 -7.39 -3.88
N LEU A 51 -9.42 -8.61 -3.82
CA LEU A 51 -10.86 -8.80 -3.65
C LEU A 51 -11.38 -8.50 -2.25
N ASP A 52 -10.48 -8.26 -1.30
CA ASP A 52 -10.89 -7.89 0.08
C ASP A 52 -10.60 -6.47 0.32
N SER A 53 -9.94 -5.85 -0.65
CA SER A 53 -9.42 -4.51 -0.47
C SER A 53 -10.43 -3.43 -0.08
N GLU A 54 -11.52 -3.33 -0.84
CA GLU A 54 -12.46 -2.25 -0.64
C GLU A 54 -13.14 -2.41 0.71
N ASN A 55 -13.51 -3.63 1.06
CA ASN A 55 -13.98 -3.93 2.42
C ASN A 55 -13.03 -3.60 3.60
N MET A 56 -11.71 -3.80 3.41
CA MET A 56 -10.75 -3.36 4.42
C MET A 56 -10.61 -1.88 4.47
N THR A 57 -10.74 -1.21 3.31
CA THR A 57 -10.82 0.24 3.34
C THR A 57 -12.05 0.69 4.17
N LYS A 58 -13.16 -0.06 4.07
CA LYS A 58 -14.37 0.32 4.84
C LYS A 58 -14.12 0.03 6.33
N SER A 59 -13.72 -1.19 6.69
CA SER A 59 -13.37 -1.49 8.08
C SER A 59 -12.49 -0.40 8.67
N HIS A 60 -11.57 0.13 7.87
CA HIS A 60 -10.66 1.16 8.36
C HIS A 60 -11.37 2.43 8.65
N GLN A 61 -12.28 2.80 7.75
CA GLN A 61 -13.14 3.93 7.98
C GLN A 61 -14.03 3.78 9.24
N ASN A 62 -14.70 2.63 9.43
CA ASN A 62 -15.47 2.41 10.68
C ASN A 62 -14.59 2.56 11.92
N LEU A 63 -13.36 2.01 11.82
CA LEU A 63 -12.34 2.17 12.89
C LEU A 63 -11.91 3.61 13.24
N CYS A 64 -11.62 4.43 12.25
CA CYS A 64 -11.17 5.79 12.55
C CYS A 64 -12.31 6.63 13.14
N THR A 65 -13.54 6.37 12.68
CA THR A 65 -14.68 7.19 13.08
C THR A 65 -15.32 6.66 14.36
N LYS A 66 -15.49 5.35 14.49
CA LYS A 66 -16.04 4.79 15.73
C LYS A 66 -15.01 4.46 16.84
N GLY A 67 -13.73 4.26 16.48
CA GLY A 67 -12.68 3.94 17.45
C GLY A 67 -12.39 2.46 17.65
N GLN A 68 -13.22 1.59 17.08
CA GLN A 68 -12.98 0.18 17.26
C GLN A 68 -13.74 -0.54 16.17
N VAL A 69 -13.19 -1.63 15.63
CA VAL A 69 -13.90 -2.33 14.55
C VAL A 69 -13.56 -3.81 14.56
N VAL A 70 -14.48 -4.60 14.01
CA VAL A 70 -14.22 -5.97 13.73
C VAL A 70 -14.19 -6.14 12.22
N SER A 71 -12.98 -6.34 11.68
CA SER A 71 -12.77 -6.43 10.25
C SER A 71 -13.70 -7.36 9.49
N GLY A 72 -14.07 -8.52 10.03
CA GLY A 72 -14.72 -9.45 9.10
C GLY A 72 -13.61 -10.05 8.22
N GLN A 73 -13.94 -11.08 7.44
CA GLN A 73 -12.93 -12.03 6.92
C GLN A 73 -12.13 -11.50 5.75
N TYR A 74 -10.80 -11.64 5.84
CA TYR A 74 -9.94 -11.07 4.77
C TYR A 74 -8.72 -11.99 4.57
N ARG A 75 -8.07 -11.84 3.42
CA ARG A 75 -6.93 -12.67 3.05
C ARG A 75 -5.71 -11.76 3.09
N MET A 76 -4.64 -12.30 3.66
CA MET A 76 -3.34 -11.60 3.73
C MET A 76 -2.39 -12.45 2.90
N LEU A 77 -1.63 -11.82 2.00
CA LEU A 77 -0.62 -12.52 1.16
C LEU A 77 0.47 -13.07 2.07
N ALA A 78 0.79 -14.37 1.93
CA ALA A 78 1.78 -14.97 2.83
C ALA A 78 3.17 -14.79 2.31
N LYS A 79 4.14 -14.73 3.22
CA LYS A 79 5.53 -14.46 2.84
C LYS A 79 5.98 -15.31 1.62
N HIS A 80 5.61 -16.58 1.58
CA HIS A 80 6.09 -17.47 0.51
C HIS A 80 5.04 -17.89 -0.45
N GLY A 81 4.16 -16.96 -0.84
CA GLY A 81 3.09 -17.20 -1.83
C GLY A 81 1.79 -17.67 -1.22
N GLY A 82 0.70 -17.62 -1.97
CA GLY A 82 -0.64 -17.93 -1.44
C GLY A 82 -1.17 -16.89 -0.46
N TYR A 83 -2.33 -17.15 0.13
CA TYR A 83 -2.99 -16.21 1.03
C TYR A 83 -3.58 -16.92 2.22
N VAL A 84 -3.38 -16.35 3.43
CA VAL A 84 -3.96 -16.82 4.68
C VAL A 84 -5.27 -16.06 5.04
N TRP A 85 -6.24 -16.72 5.64
CA TRP A 85 -7.47 -16.00 5.99
C TRP A 85 -7.33 -15.45 7.40
N LEU A 86 -7.73 -14.21 7.62
CA LEU A 86 -7.65 -13.63 8.95
C LEU A 86 -8.95 -12.96 9.28
N GLU A 87 -9.10 -12.61 10.56
CA GLU A 87 -10.13 -11.74 11.06
C GLU A 87 -9.41 -10.91 12.12
N THR A 88 -9.65 -9.62 12.18
CA THR A 88 -8.91 -8.73 13.02
C THR A 88 -9.85 -7.89 13.84
N GLN A 89 -9.55 -7.78 15.15
CA GLN A 89 -10.13 -6.72 15.93
C GLN A 89 -9.16 -5.55 16.05
N GLY A 90 -9.60 -4.39 15.56
CA GLY A 90 -8.87 -3.14 15.69
C GLY A 90 -9.38 -2.20 16.79
N THR A 91 -8.42 -1.58 17.45
CA THR A 91 -8.76 -0.59 18.45
C THR A 91 -7.87 0.61 18.27
N VAL A 92 -8.46 1.80 18.25
CA VAL A 92 -7.66 3.03 18.22
C VAL A 92 -7.38 3.45 19.64
N ILE A 93 -6.10 3.77 19.91
CA ILE A 93 -5.64 4.28 21.20
C ILE A 93 -5.45 5.77 20.99
N TYR A 94 -6.32 6.56 21.66
CA TYR A 94 -6.19 8.03 21.67
C TYR A 94 -5.43 8.52 22.90
N ASN A 95 -4.55 9.52 22.77
CA ASN A 95 -3.90 10.01 24.00
C ASN A 95 -4.59 11.21 24.72
N PRO A 96 -3.83 12.20 25.24
CA PRO A 96 -4.40 13.12 26.25
C PRO A 96 -5.88 13.51 26.05
N PRO A 101 -5.42 10.75 18.07
CA PRO A 101 -5.23 9.34 17.76
C PRO A 101 -3.76 9.05 17.80
N GLN A 102 -3.34 7.98 18.46
CA GLN A 102 -1.88 7.75 18.58
C GLN A 102 -1.40 6.49 17.91
N CYS A 103 -2.26 5.48 17.83
CA CYS A 103 -1.95 4.27 17.08
C CYS A 103 -3.14 3.35 17.02
N ILE A 104 -2.98 2.29 16.24
CA ILE A 104 -3.98 1.30 16.15
C ILE A 104 -3.42 0.03 16.65
N MET A 105 -4.18 -0.64 17.49
CA MET A 105 -3.78 -1.97 17.98
C MET A 105 -4.63 -3.00 17.28
N CYS A 106 -4.00 -4.07 16.80
CA CYS A 106 -4.74 -5.07 16.12
C CYS A 106 -4.55 -6.40 16.77
N VAL A 107 -5.68 -7.05 17.04
CA VAL A 107 -5.60 -8.45 17.46
C VAL A 107 -5.96 -9.34 16.29
N ASN A 108 -5.01 -10.15 15.77
CA ASN A 108 -5.23 -10.82 14.47
C ASN A 108 -5.40 -12.32 14.66
N TYR A 109 -6.49 -12.87 14.13
CA TYR A 109 -6.74 -14.30 14.24
CA TYR A 109 -6.68 -14.29 14.21
C TYR A 109 -6.71 -14.97 12.86
N VAL A 110 -5.89 -16.01 12.76
CA VAL A 110 -5.76 -16.71 11.51
C VAL A 110 -6.82 -17.79 11.49
N LEU A 111 -7.77 -17.58 10.60
CA LEU A 111 -8.82 -18.52 10.24
C LEU A 111 -8.36 -19.77 9.51
N SER A 112 -7.65 -19.65 8.40
CA SER A 112 -7.34 -20.86 7.63
C SER A 112 -6.29 -21.74 8.28
N CYS B 9 -5.73 7.00 -31.42
CA CYS B 9 -6.54 7.40 -30.22
C CYS B 9 -5.68 8.05 -29.15
N GLN B 10 -6.29 8.86 -28.30
CA GLN B 10 -5.57 9.51 -27.19
C GLN B 10 -5.28 8.47 -26.09
N PRO B 11 -3.99 8.27 -25.72
CA PRO B 11 -3.73 7.38 -24.57
C PRO B 11 -4.25 7.97 -23.25
N THR B 12 -4.66 7.12 -22.31
CA THR B 12 -5.02 7.65 -20.99
C THR B 12 -3.78 7.66 -20.11
N ARG B 13 -3.58 8.80 -19.47
CA ARG B 13 -2.39 9.12 -18.72
C ARG B 13 -2.61 10.31 -17.81
N PHE B 14 -2.02 10.21 -16.62
CA PHE B 14 -2.09 11.28 -15.65
C PHE B 14 -0.76 11.50 -15.00
N ILE B 15 -0.56 12.73 -14.53
CA ILE B 15 0.64 13.10 -13.86
C ILE B 15 0.43 12.99 -12.34
N SER B 16 1.47 12.49 -11.68
CA SER B 16 1.53 12.43 -10.22
C SER B 16 2.92 12.87 -9.75
N ARG B 17 2.99 13.28 -8.50
CA ARG B 17 4.26 13.57 -7.87
C ARG B 17 4.24 12.78 -6.56
N HIS B 18 5.43 12.32 -6.19
CA HIS B 18 5.67 11.48 -5.05
C HIS B 18 6.90 11.87 -4.28
N ASN B 19 6.91 11.59 -2.98
CA ASN B 19 8.13 11.74 -2.23
C ASN B 19 8.96 10.50 -2.54
N ILE B 20 10.15 10.41 -1.96
CA ILE B 20 11.07 9.37 -2.40
C ILE B 20 10.59 7.99 -1.84
N GLU B 21 9.66 7.99 -0.87
CA GLU B 21 9.08 6.74 -0.36
C GLU B 21 8.05 6.11 -1.31
N GLY B 22 7.45 6.95 -2.16
CA GLY B 22 6.37 6.48 -3.03
C GLY B 22 5.03 7.14 -2.73
N ILE B 23 4.94 7.91 -1.66
CA ILE B 23 3.66 8.48 -1.21
C ILE B 23 3.23 9.46 -2.29
N PHE B 24 2.01 9.35 -2.80
CA PHE B 24 1.41 10.40 -3.67
C PHE B 24 1.38 11.77 -2.99
N THR B 25 2.05 12.79 -3.55
CA THR B 25 1.94 14.17 -2.98
C THR B 25 1.12 15.12 -3.86
N PHE B 26 0.97 14.78 -5.15
CA PHE B 26 0.12 15.52 -6.08
C PHE B 26 -0.48 14.50 -7.08
N VAL B 27 -1.77 14.58 -7.42
CA VAL B 27 -2.34 13.72 -8.48
C VAL B 27 -3.13 14.57 -9.49
N ASP B 28 -2.77 14.46 -10.78
CA ASP B 28 -3.57 15.11 -11.84
C ASP B 28 -4.95 14.40 -12.07
N HIS B 29 -6.03 15.20 -12.12
CA HIS B 29 -7.44 14.73 -12.26
C HIS B 29 -7.73 13.83 -13.46
N ARG B 30 -6.86 13.83 -14.49
CA ARG B 30 -6.99 12.79 -15.56
C ARG B 30 -6.89 11.35 -15.01
N CYS B 31 -6.50 11.21 -13.74
CA CYS B 31 -6.48 9.90 -13.01
C CYS B 31 -7.86 9.24 -12.97
N VAL B 32 -8.92 10.05 -13.07
CA VAL B 32 -10.30 9.48 -12.96
C VAL B 32 -10.66 8.58 -14.12
N ALA B 33 -10.38 9.05 -15.33
CA ALA B 33 -10.58 8.28 -16.56
C ALA B 33 -9.53 7.15 -16.68
N THR B 34 -8.35 7.35 -16.13
CA THR B 34 -7.28 6.32 -16.27
C THR B 34 -7.41 5.10 -15.30
N VAL B 35 -7.64 5.37 -14.01
CA VAL B 35 -7.63 4.29 -13.00
C VAL B 35 -8.90 4.36 -12.17
N GLY B 36 -9.70 5.38 -12.42
CA GLY B 36 -10.99 5.50 -11.73
C GLY B 36 -11.12 6.10 -10.37
N TYR B 37 -10.03 6.32 -9.64
CA TYR B 37 -10.11 7.02 -8.38
C TYR B 37 -10.12 8.55 -8.55
N GLN B 38 -10.75 9.26 -7.63
CA GLN B 38 -10.55 10.69 -7.46
C GLN B 38 -9.12 10.92 -6.95
N PRO B 39 -8.51 12.08 -7.28
CA PRO B 39 -7.18 12.40 -6.74
C PRO B 39 -7.08 12.30 -5.22
N GLN B 40 -8.12 12.70 -4.50
CA GLN B 40 -8.05 12.66 -3.05
C GLN B 40 -8.12 11.22 -2.50
N GLU B 41 -8.60 10.28 -3.32
CA GLU B 41 -8.50 8.86 -2.93
C GLU B 41 -7.09 8.31 -3.09
N LEU B 42 -6.25 9.01 -3.85
CA LEU B 42 -4.83 8.61 -4.00
C LEU B 42 -3.85 9.42 -3.06
N LEU B 43 -4.17 10.67 -2.77
CA LEU B 43 -3.23 11.59 -2.10
C LEU B 43 -2.90 11.08 -0.71
N GLY B 44 -1.62 11.03 -0.35
CA GLY B 44 -1.25 10.57 1.00
C GLY B 44 -1.00 9.09 1.11
N LYS B 45 -1.25 8.32 0.07
CA LYS B 45 -1.00 6.88 0.06
C LYS B 45 0.15 6.49 -0.83
N ASN B 46 0.75 5.34 -0.56
CA ASN B 46 1.91 4.98 -1.34
C ASN B 46 1.42 4.29 -2.60
N ILE B 47 2.10 4.59 -3.73
CA ILE B 47 1.68 3.99 -4.99
C ILE B 47 1.82 2.49 -4.90
N VAL B 48 2.68 1.99 -4.02
CA VAL B 48 2.88 0.54 -3.85
C VAL B 48 1.61 -0.18 -3.28
N GLU B 49 0.78 0.56 -2.55
CA GLU B 49 -0.54 0.07 -2.10
C GLU B 49 -1.57 -0.28 -3.23
N PHE B 50 -1.34 0.21 -4.44
CA PHE B 50 -2.28 -0.04 -5.51
C PHE B 50 -1.63 -1.01 -6.49
N CYS B 51 -0.40 -1.39 -6.17
CA CYS B 51 0.37 -2.31 -7.02
C CYS B 51 0.17 -3.82 -6.72
N HIS B 52 0.17 -4.63 -7.79
CA HIS B 52 0.02 -6.08 -7.72
C HIS B 52 1.17 -6.62 -6.92
N PRO B 53 0.93 -7.67 -6.07
CA PRO B 53 2.04 -8.10 -5.23
C PRO B 53 3.28 -8.61 -5.99
N GLU B 54 3.14 -9.17 -7.18
CA GLU B 54 4.36 -9.60 -7.91
C GLU B 54 5.21 -8.44 -8.43
N ASP B 55 4.60 -7.28 -8.49
CA ASP B 55 5.20 -6.03 -8.99
C ASP B 55 5.66 -5.03 -7.89
N GLN B 56 5.26 -5.24 -6.60
CA GLN B 56 5.55 -4.23 -5.56
C GLN B 56 7.02 -3.95 -5.35
N GLN B 57 7.84 -5.02 -5.33
CA GLN B 57 9.25 -4.87 -5.05
C GLN B 57 9.96 -4.18 -6.24
N LEU B 58 9.61 -4.54 -7.47
CA LEU B 58 10.14 -3.79 -8.63
C LEU B 58 9.83 -2.30 -8.56
N LEU B 59 8.60 -1.95 -8.20
CA LEU B 59 8.22 -0.60 -8.11
C LEU B 59 9.01 0.12 -6.95
N ARG B 60 9.20 -0.55 -5.83
CA ARG B 60 9.95 0.06 -4.73
C ARG B 60 11.38 0.23 -5.17
N ASP B 61 11.94 -0.76 -5.86
CA ASP B 61 13.33 -0.51 -6.32
C ASP B 61 13.45 0.51 -7.45
N SER B 62 12.38 0.68 -8.21
CA SER B 62 12.37 1.76 -9.20
C SER B 62 12.43 3.16 -8.54
N PHE B 63 11.61 3.33 -7.51
CA PHE B 63 11.62 4.58 -6.79
C PHE B 63 12.98 4.84 -6.17
N GLN B 64 13.62 3.82 -5.61
CA GLN B 64 14.96 3.92 -5.08
C GLN B 64 15.98 4.30 -6.16
N GLN B 65 15.85 3.75 -7.37
CA GLN B 65 16.84 4.08 -8.38
C GLN B 65 16.69 5.41 -9.03
N VAL B 66 15.46 5.82 -9.29
CA VAL B 66 15.25 7.02 -10.02
C VAL B 66 16.04 8.16 -9.35
N VAL B 67 16.24 8.15 -8.02
CA VAL B 67 16.98 9.27 -7.40
C VAL B 67 18.48 9.22 -7.67
N LYS B 68 18.98 8.08 -8.12
CA LYS B 68 20.41 7.96 -8.37
C LYS B 68 20.77 8.26 -9.78
N LEU B 69 19.75 8.53 -10.60
CA LEU B 69 19.95 8.64 -12.04
C LEU B 69 20.05 10.09 -12.56
N LYS B 70 20.30 11.04 -11.66
CA LYS B 70 20.66 12.40 -12.13
C LYS B 70 19.54 13.09 -12.92
N GLY B 71 18.28 12.95 -12.51
CA GLY B 71 17.19 13.53 -13.30
C GLY B 71 16.82 12.86 -14.61
N GLN B 72 17.54 11.80 -15.05
CA GLN B 72 17.18 11.01 -16.26
C GLN B 72 15.87 10.25 -16.03
N VAL B 73 15.19 9.84 -17.11
CA VAL B 73 13.90 9.11 -17.06
C VAL B 73 14.12 7.64 -16.72
N LEU B 74 13.37 7.16 -15.74
CA LEU B 74 13.24 5.78 -15.45
C LEU B 74 11.79 5.32 -15.71
N SER B 75 11.64 4.17 -16.32
CA SER B 75 10.34 3.76 -16.71
C SER B 75 10.15 2.39 -16.03
N VAL B 76 8.93 2.08 -15.68
CA VAL B 76 8.58 0.82 -15.07
C VAL B 76 7.17 0.42 -15.56
N MET B 77 6.97 -0.89 -15.75
CA MET B 77 5.64 -1.45 -15.99
C MET B 77 5.12 -2.26 -14.82
N PHE B 78 3.90 -2.00 -14.40
CA PHE B 78 3.33 -2.75 -13.28
C PHE B 78 1.82 -2.73 -13.38
N ARG B 79 1.20 -3.60 -12.59
CA ARG B 79 -0.24 -3.73 -12.50
C ARG B 79 -0.78 -2.95 -11.36
N PHE B 80 -1.65 -2.04 -11.75
CA PHE B 80 -2.28 -1.14 -10.85
C PHE B 80 -3.75 -1.52 -10.68
N ARG B 81 -4.27 -1.40 -9.45
CA ARG B 81 -5.61 -1.89 -9.12
C ARG B 81 -6.57 -0.72 -9.29
N SER B 82 -7.40 -0.76 -10.33
CA SER B 82 -8.33 0.34 -10.59
C SER B 82 -9.42 0.39 -9.53
N LYS B 83 -10.13 1.52 -9.43
CA LYS B 83 -11.34 1.54 -8.62
C LYS B 83 -12.39 0.39 -8.96
N ASN B 84 -12.41 -0.19 -10.16
CA ASN B 84 -13.16 -1.48 -10.31
C ASN B 84 -12.52 -2.75 -9.57
N GLN B 85 -11.33 -2.58 -9.05
CA GLN B 85 -10.60 -3.69 -8.42
C GLN B 85 -10.00 -4.63 -9.50
N GLU B 86 -10.11 -4.22 -10.81
CA GLU B 86 -9.35 -4.76 -12.01
C GLU B 86 -7.83 -4.38 -12.12
N TRP B 87 -6.97 -5.30 -12.60
CA TRP B 87 -5.53 -5.02 -12.68
C TRP B 87 -5.24 -4.41 -14.01
N LEU B 88 -4.83 -3.13 -14.05
CA LEU B 88 -4.50 -2.44 -15.32
C LEU B 88 -2.98 -2.39 -15.46
N TRP B 89 -2.49 -2.69 -16.66
CA TRP B 89 -1.10 -2.47 -16.94
C TRP B 89 -0.81 -0.97 -17.07
N MET B 90 0.05 -0.49 -16.17
CA MET B 90 0.58 0.89 -16.21
C MET B 90 2.01 0.96 -16.67
N ARG B 91 2.31 1.89 -17.61
CA ARG B 91 3.69 2.27 -17.80
C ARG B 91 3.86 3.59 -17.06
N THR B 92 4.69 3.57 -16.00
CA THR B 92 5.00 4.84 -15.26
C THR B 92 6.37 5.35 -15.70
N SER B 93 6.44 6.60 -16.21
CA SER B 93 7.74 7.19 -16.56
C SER B 93 8.10 8.26 -15.55
N SER B 94 9.26 8.14 -14.89
CA SER B 94 9.55 9.06 -13.80
C SER B 94 10.95 9.71 -13.87
N PHE B 95 11.05 10.86 -13.23
CA PHE B 95 12.34 11.56 -13.14
C PHE B 95 12.36 12.45 -11.89
N THR B 96 13.55 12.68 -11.32
CA THR B 96 13.62 13.60 -10.16
C THR B 96 13.62 15.06 -10.61
N PHE B 97 13.20 15.95 -9.71
CA PHE B 97 13.34 17.37 -9.94
C PHE B 97 13.85 17.89 -8.64
N GLN B 98 14.82 18.80 -8.75
CA GLN B 98 15.39 19.44 -7.59
C GLN B 98 15.77 20.86 -8.04
N ASN B 99 15.16 21.86 -7.43
CA ASN B 99 15.40 23.24 -7.85
C ASN B 99 16.87 23.63 -7.47
N PRO B 100 17.73 23.90 -8.49
CA PRO B 100 19.16 24.09 -8.22
C PRO B 100 19.52 25.41 -7.43
N TYR B 101 18.50 26.24 -7.18
CA TYR B 101 18.57 27.44 -6.26
C TYR B 101 18.44 27.05 -4.79
N SER B 102 18.09 25.77 -4.54
CA SER B 102 17.83 25.27 -3.19
C SER B 102 18.60 23.98 -3.00
N ASP B 103 18.61 23.55 -1.77
CA ASP B 103 19.12 22.23 -1.43
C ASP B 103 17.95 21.52 -0.72
N GLU B 104 16.77 21.68 -1.30
CA GLU B 104 15.63 20.95 -0.80
C GLU B 104 15.63 19.53 -1.36
N ILE B 105 15.00 18.60 -0.65
CA ILE B 105 15.04 17.18 -1.07
C ILE B 105 14.33 16.98 -2.40
N GLU B 106 14.94 16.20 -3.28
CA GLU B 106 14.30 16.03 -4.55
C GLU B 106 13.01 15.23 -4.34
N TYR B 107 12.08 15.41 -5.24
CA TYR B 107 10.90 14.57 -5.31
C TYR B 107 10.73 14.09 -6.77
N ILE B 108 9.73 13.27 -6.94
CA ILE B 108 9.71 12.39 -8.12
C ILE B 108 8.51 12.80 -8.91
N ILE B 109 8.73 13.04 -10.18
CA ILE B 109 7.61 13.43 -11.06
C ILE B 109 7.27 12.22 -11.95
N CYS B 110 5.98 11.86 -12.02
CA CYS B 110 5.56 10.68 -12.78
C CYS B 110 4.56 11.01 -13.87
N THR B 111 4.72 10.41 -15.05
CA THR B 111 3.57 10.25 -15.94
C THR B 111 3.14 8.79 -15.97
N ASN B 112 1.85 8.57 -15.92
CA ASN B 112 1.31 7.16 -15.72
C ASN B 112 0.31 6.83 -16.81
N THR B 113 0.64 5.89 -17.71
CA THR B 113 -0.21 5.55 -18.88
C THR B 113 -0.66 4.08 -18.82
N ASN B 114 -1.98 3.82 -18.98
CA ASN B 114 -2.53 2.44 -19.21
C ASN B 114 -2.10 1.94 -20.56
N VAL B 115 -1.23 0.95 -20.59
CA VAL B 115 -0.69 0.39 -21.83
C VAL B 115 -1.06 -1.11 -21.93
N LYS B 116 -0.77 -1.68 -23.10
CA LYS B 116 -1.00 -3.07 -23.37
C LYS B 116 0.20 -3.86 -22.93
N ASN B 117 -0.01 -4.98 -22.27
CA ASN B 117 1.08 -5.93 -22.19
C ASN B 117 1.01 -7.01 -23.29
N SER B 118 1.61 -6.78 -24.48
CA SER B 118 1.48 -7.75 -25.58
C SER B 118 2.58 -7.77 -26.69
#